data_4ZIB
#
_entry.id   4ZIB
#
_cell.length_a   105.140
_cell.length_b   105.140
_cell.length_c   70.920
_cell.angle_alpha   90.00
_cell.angle_beta   90.00
_cell.angle_gamma   120.00
#
_symmetry.space_group_name_H-M   'P 64'
#
loop_
_entity.id
_entity.type
_entity.pdbx_description
1 polymer 'Pyrrolysine--tRNA ligase'
2 non-polymer 'MAGNESIUM ION'
3 non-polymer "ADENOSINE-5'-TRIPHOSPHATE"
4 non-polymer 1,2-ETHANEDIOL
5 non-polymer 3-(1-benzothiophen-3-yl)-L-alanine
6 water water
#
_entity_poly.entity_id   1
_entity_poly.type   'polypeptide(L)'
_entity_poly.pdbx_seq_one_letter_code
;MGSSHHHHHHSSGLVPRGSHMASAPALTKSQTDRLEVLLNPKDEISLNSGKPFRELESELLSRRKKDLQQIYAEERENYL
GKLEREITRFFVDRGFLEIKSPILIPLEYIERMGIDNDTELSKQIFRVDKNFCLRPMLAPNLYNYLRKLDRALPDPIKIF
EIGPCYRKESDGKEHLEEFTMLGFQQMGSGCTRENLESIITDFLNHLGIDFKIVGDSCMVYGDTLDVMHGDLELSSAVVG
PIPLDREWGIDKPWIGAGFGLERLLKVKHDFKNIKRAARSESYYNGISTNL
;
_entity_poly.pdbx_strand_id   A
#
# COMPACT_ATOMS: atom_id res chain seq x y z
N PRO A 25 -32.72 7.29 26.43
CA PRO A 25 -31.98 8.56 26.34
C PRO A 25 -30.96 8.55 25.21
N ALA A 26 -30.16 9.61 25.12
CA ALA A 26 -29.17 9.74 24.06
C ALA A 26 -27.99 8.80 24.28
N LEU A 27 -27.41 8.33 23.18
CA LEU A 27 -26.18 7.53 23.23
C LEU A 27 -25.02 8.40 23.62
N THR A 28 -24.16 7.93 24.52
CA THR A 28 -22.97 8.68 24.87
C THR A 28 -21.97 8.61 23.71
N LYS A 29 -20.99 9.49 23.73
CA LYS A 29 -19.95 9.48 22.72
C LYS A 29 -19.16 8.17 22.79
N SER A 30 -18.93 7.68 24.00
CA SER A 30 -18.21 6.42 24.19
C SER A 30 -18.99 5.23 23.63
N GLN A 31 -20.30 5.25 23.82
CA GLN A 31 -21.17 4.20 23.32
C GLN A 31 -21.21 4.21 21.80
N THR A 32 -21.24 5.41 21.22
CA THR A 32 -21.23 5.57 19.76
C THR A 32 -19.92 5.04 19.17
N ASP A 33 -18.81 5.34 19.82
CA ASP A 33 -17.51 4.82 19.41
C ASP A 33 -17.51 3.30 19.41
N ARG A 34 -18.07 2.71 20.46
CA ARG A 34 -18.19 1.27 20.57
C ARG A 34 -18.99 0.68 19.40
N LEU A 35 -20.12 1.32 19.09
CA LEU A 35 -20.98 0.85 18.00
C LEU A 35 -20.30 0.99 16.64
N GLU A 36 -19.57 2.08 16.45
CA GLU A 36 -18.90 2.34 15.19
C GLU A 36 -17.80 1.32 14.93
N VAL A 37 -17.22 0.80 16.00
CA VAL A 37 -16.24 -0.29 15.89
C VAL A 37 -16.91 -1.52 15.30
N LEU A 38 -18.15 -1.77 15.69
CA LEU A 38 -18.89 -2.95 15.26
C LEU A 38 -19.65 -2.71 13.96
N LEU A 39 -19.69 -1.46 13.53
CA LEU A 39 -20.49 -1.08 12.36
C LEU A 39 -19.74 -1.31 11.06
N ASN A 40 -20.38 -2.01 10.13
CA ASN A 40 -19.83 -2.20 8.78
C ASN A 40 -20.48 -1.21 7.81
N PRO A 41 -19.76 -0.82 6.75
CA PRO A 41 -20.26 0.16 5.78
C PRO A 41 -21.62 -0.20 5.17
N LYS A 42 -21.87 -1.50 4.98
CA LYS A 42 -23.09 -1.96 4.34
C LYS A 42 -24.26 -2.13 5.32
N ASP A 43 -24.04 -1.74 6.58
CA ASP A 43 -25.12 -1.79 7.57
C ASP A 43 -26.09 -0.64 7.37
N GLU A 44 -27.36 -0.87 7.71
CA GLU A 44 -28.39 0.15 7.59
C GLU A 44 -29.13 0.32 8.91
N SER A 49 -32.12 6.62 17.46
CA SER A 49 -33.41 5.93 17.48
C SER A 49 -33.79 5.49 18.89
N GLY A 50 -34.92 4.81 19.00
CA GLY A 50 -35.48 4.44 20.29
C GLY A 50 -34.87 3.21 20.93
N LYS A 51 -33.98 2.54 20.21
CA LYS A 51 -33.33 1.35 20.75
C LYS A 51 -32.15 1.72 21.64
N PRO A 52 -32.09 1.13 22.83
CA PRO A 52 -31.00 1.40 23.79
C PRO A 52 -29.67 0.87 23.28
N PHE A 53 -28.58 1.29 23.93
CA PHE A 53 -27.24 0.87 23.53
C PHE A 53 -27.06 -0.63 23.53
N ARG A 54 -27.56 -1.30 24.57
CA ARG A 54 -27.34 -2.73 24.72
C ARG A 54 -28.01 -3.54 23.60
N GLU A 55 -29.12 -3.05 23.07
CA GLU A 55 -29.80 -3.72 21.98
C GLU A 55 -29.06 -3.50 20.67
N LEU A 56 -28.66 -2.26 20.42
CA LEU A 56 -27.88 -1.91 19.23
C LEU A 56 -26.56 -2.68 19.19
N GLU A 57 -25.91 -2.78 20.34
CA GLU A 57 -24.63 -3.50 20.45
C GLU A 57 -24.82 -4.99 20.22
N SER A 58 -25.88 -5.55 20.81
CA SER A 58 -26.17 -6.97 20.67
C SER A 58 -26.46 -7.35 19.22
N GLU A 59 -27.18 -6.48 18.51
N GLU A 59 -27.16 -6.47 18.51
CA GLU A 59 -27.50 -6.72 17.11
CA GLU A 59 -27.51 -6.73 17.11
C GLU A 59 -26.25 -6.73 16.25
C GLU A 59 -26.28 -6.70 16.22
N LEU A 60 -25.39 -5.75 16.46
CA LEU A 60 -24.15 -5.63 15.70
C LEU A 60 -23.19 -6.77 16.01
N LEU A 61 -23.11 -7.16 17.28
CA LEU A 61 -22.27 -8.28 17.68
C LEU A 61 -22.68 -9.56 16.96
N SER A 62 -24.00 -9.76 16.83
CA SER A 62 -24.53 -10.93 16.15
C SER A 62 -24.17 -10.91 14.67
N ARG A 63 -24.28 -9.74 14.04
CA ARG A 63 -23.98 -9.60 12.62
C ARG A 63 -22.51 -9.85 12.33
N ARG A 64 -21.63 -9.32 13.18
CA ARG A 64 -20.19 -9.43 12.95
C ARG A 64 -19.68 -10.85 13.19
N LYS A 65 -20.32 -11.56 14.12
CA LYS A 65 -19.97 -12.96 14.36
C LYS A 65 -20.34 -13.80 13.14
N LYS A 66 -21.50 -13.54 12.56
CA LYS A 66 -21.94 -14.27 11.37
C LYS A 66 -21.04 -14.00 10.18
N ASP A 67 -20.56 -12.76 10.06
CA ASP A 67 -19.62 -12.39 9.01
C ASP A 67 -18.36 -13.24 9.11
N LEU A 68 -17.81 -13.34 10.32
CA LEU A 68 -16.61 -14.14 10.54
C LEU A 68 -16.89 -15.62 10.31
N GLN A 69 -18.08 -16.06 10.72
CA GLN A 69 -18.48 -17.44 10.49
C GLN A 69 -18.58 -17.76 9.00
N GLN A 70 -19.09 -16.80 8.23
CA GLN A 70 -19.24 -16.99 6.79
C GLN A 70 -17.89 -17.07 6.09
N ILE A 71 -16.96 -16.21 6.49
CA ILE A 71 -15.61 -16.26 5.97
C ILE A 71 -14.94 -17.59 6.31
N TYR A 72 -15.12 -18.02 7.56
CA TYR A 72 -14.50 -19.24 8.04
C TYR A 72 -15.05 -20.47 7.33
N ALA A 73 -16.34 -20.41 6.98
CA ALA A 73 -17.02 -21.52 6.35
C ALA A 73 -16.69 -21.62 4.86
N GLU A 74 -16.42 -20.48 4.24
CA GLU A 74 -16.24 -20.44 2.80
C GLU A 74 -14.79 -20.20 2.36
N GLU A 75 -14.43 -18.94 2.14
CA GLU A 75 -13.17 -18.61 1.49
C GLU A 75 -11.93 -18.71 2.40
N ARG A 76 -12.06 -18.20 3.62
CA ARG A 76 -11.00 -18.24 4.63
C ARG A 76 -9.74 -17.47 4.25
N GLU A 77 -9.86 -16.53 3.32
CA GLU A 77 -8.71 -15.72 2.90
C GLU A 77 -8.70 -14.35 3.56
N ASN A 78 -7.51 -13.89 3.92
CA ASN A 78 -7.34 -12.54 4.45
C ASN A 78 -7.31 -11.52 3.32
N TYR A 79 -7.98 -10.38 3.51
CA TYR A 79 -8.09 -9.36 2.46
C TYR A 79 -6.74 -8.86 1.96
N LEU A 80 -5.82 -8.62 2.90
CA LEU A 80 -4.50 -8.13 2.56
CA LEU A 80 -4.49 -8.13 2.57
C LEU A 80 -3.71 -9.17 1.77
N GLY A 81 -3.77 -10.42 2.21
CA GLY A 81 -3.09 -11.50 1.54
C GLY A 81 -3.67 -11.74 0.15
N LYS A 82 -4.99 -11.72 0.08
CA LYS A 82 -5.70 -11.95 -1.18
C LYS A 82 -5.42 -10.84 -2.20
N LEU A 83 -5.39 -9.59 -1.74
CA LEU A 83 -5.08 -8.47 -2.62
C LEU A 83 -3.65 -8.58 -3.16
N GLU A 84 -2.72 -8.96 -2.30
CA GLU A 84 -1.34 -9.16 -2.70
C GLU A 84 -1.23 -10.23 -3.79
N ARG A 85 -1.99 -11.31 -3.66
CA ARG A 85 -1.97 -12.39 -4.64
C ARG A 85 -2.59 -11.96 -5.97
N GLU A 86 -3.62 -11.14 -5.89
CA GLU A 86 -4.29 -10.62 -7.09
C GLU A 86 -3.39 -9.63 -7.83
N ILE A 87 -2.73 -8.75 -7.09
CA ILE A 87 -1.81 -7.79 -7.68
C ILE A 87 -0.61 -8.50 -8.28
N THR A 88 -0.14 -9.53 -7.59
CA THR A 88 0.98 -10.34 -8.09
C THR A 88 0.65 -10.96 -9.44
N ARG A 89 -0.53 -11.53 -9.55
CA ARG A 89 -0.98 -12.17 -10.79
C ARG A 89 -1.07 -11.15 -11.92
N PHE A 90 -1.54 -9.95 -11.60
CA PHE A 90 -1.67 -8.89 -12.58
C PHE A 90 -0.33 -8.54 -13.22
N PHE A 91 0.68 -8.31 -12.39
CA PHE A 91 1.96 -7.84 -12.89
C PHE A 91 2.80 -8.96 -13.50
N VAL A 92 2.70 -10.17 -12.95
CA VAL A 92 3.37 -11.32 -13.56
C VAL A 92 2.85 -11.54 -14.98
N ASP A 93 1.53 -11.45 -15.14
CA ASP A 93 0.91 -11.68 -16.43
C ASP A 93 1.25 -10.59 -17.45
N ARG A 94 1.68 -9.42 -16.96
CA ARG A 94 2.06 -8.34 -17.86
C ARG A 94 3.57 -8.23 -18.04
N GLY A 95 4.29 -9.27 -17.60
CA GLY A 95 5.70 -9.39 -17.89
C GLY A 95 6.64 -8.81 -16.85
N PHE A 96 6.13 -8.57 -15.64
CA PHE A 96 6.96 -8.06 -14.55
C PHE A 96 7.48 -9.18 -13.67
N LEU A 97 8.77 -9.11 -13.32
CA LEU A 97 9.41 -10.12 -12.50
C LEU A 97 9.13 -9.89 -11.01
N GLU A 98 8.68 -10.93 -10.31
CA GLU A 98 8.33 -10.82 -8.89
C GLU A 98 9.58 -10.78 -8.00
N ILE A 99 9.74 -9.70 -7.26
CA ILE A 99 10.89 -9.53 -6.38
C ILE A 99 10.51 -9.70 -4.90
N LYS A 100 11.34 -10.40 -4.15
CA LYS A 100 11.23 -10.46 -2.70
C LYS A 100 12.56 -10.04 -2.07
N SER A 101 12.68 -8.76 -1.74
CA SER A 101 13.92 -8.19 -1.24
C SER A 101 13.85 -7.96 0.27
N PRO A 102 15.01 -7.69 0.92
CA PRO A 102 15.02 -7.50 2.37
C PRO A 102 14.13 -6.35 2.85
N ILE A 103 13.47 -6.57 3.99
CA ILE A 103 12.68 -5.53 4.64
C ILE A 103 13.60 -4.71 5.54
N LEU A 104 14.54 -5.40 6.18
CA LEU A 104 15.59 -4.74 6.95
CA LEU A 104 15.58 -4.73 6.95
C LEU A 104 16.70 -4.29 6.01
N ILE A 105 16.85 -2.99 5.83
CA ILE A 105 17.84 -2.47 4.88
C ILE A 105 18.89 -1.57 5.55
N PRO A 106 20.07 -1.43 4.93
CA PRO A 106 21.11 -0.53 5.42
C PRO A 106 20.64 0.92 5.51
N LEU A 107 21.06 1.62 6.56
CA LEU A 107 20.73 3.02 6.74
C LEU A 107 21.28 3.90 5.61
N GLU A 108 22.40 3.46 5.02
CA GLU A 108 23.03 4.20 3.95
C GLU A 108 22.12 4.31 2.73
N TYR A 109 21.26 3.31 2.54
CA TYR A 109 20.30 3.34 1.43
C TYR A 109 19.40 4.55 1.53
N ILE A 110 19.07 4.94 2.75
CA ILE A 110 18.20 6.09 2.99
C ILE A 110 18.89 7.40 2.60
N GLU A 111 20.14 7.56 3.03
CA GLU A 111 20.92 8.73 2.68
C GLU A 111 21.16 8.78 1.17
N ARG A 112 21.39 7.62 0.58
CA ARG A 112 21.66 7.52 -0.86
CA ARG A 112 21.66 7.55 -0.86
C ARG A 112 20.42 7.86 -1.68
N MET A 113 19.25 7.77 -1.04
CA MET A 113 18.00 8.12 -1.71
C MET A 113 17.76 9.63 -1.67
N GLY A 114 18.74 10.37 -1.19
CA GLY A 114 18.63 11.82 -1.10
C GLY A 114 17.78 12.27 0.07
N ILE A 115 17.70 11.43 1.09
CA ILE A 115 16.90 11.74 2.27
C ILE A 115 17.79 12.29 3.39
N ASP A 116 17.83 13.61 3.50
CA ASP A 116 18.62 14.26 4.53
C ASP A 116 17.69 14.85 5.60
N ASN A 117 18.28 15.49 6.61
CA ASN A 117 17.53 16.01 7.75
C ASN A 117 16.56 17.14 7.39
N ASP A 118 16.70 17.69 6.18
CA ASP A 118 15.85 18.78 5.73
C ASP A 118 14.58 18.27 5.05
N THR A 119 14.36 16.97 5.08
CA THR A 119 13.14 16.40 4.53
C THR A 119 12.30 15.77 5.64
N GLU A 120 11.04 15.50 5.33
CA GLU A 120 10.11 14.94 6.31
C GLU A 120 10.46 13.49 6.66
N LEU A 121 10.81 12.71 5.65
CA LEU A 121 11.04 11.28 5.80
C LEU A 121 12.19 10.94 6.74
N SER A 122 13.14 11.85 6.91
CA SER A 122 14.29 11.62 7.76
C SER A 122 13.88 11.33 9.20
N LYS A 123 12.79 11.94 9.63
CA LYS A 123 12.31 11.80 11.00
C LYS A 123 11.33 10.63 11.14
N GLN A 124 11.01 10.00 10.02
CA GLN A 124 10.02 8.92 10.01
C GLN A 124 10.65 7.54 10.03
N ILE A 125 11.97 7.48 10.05
CA ILE A 125 12.69 6.20 9.93
C ILE A 125 12.71 5.41 11.23
N PHE A 126 12.32 4.14 11.15
CA PHE A 126 12.50 3.20 12.26
C PHE A 126 13.91 2.64 12.21
N ARG A 127 14.78 3.09 13.11
CA ARG A 127 16.16 2.63 13.12
C ARG A 127 16.32 1.34 13.91
N VAL A 128 17.08 0.41 13.36
CA VAL A 128 17.39 -0.85 14.02
C VAL A 128 18.90 -1.03 14.10
N ASP A 129 19.40 -1.29 15.30
CA ASP A 129 20.84 -1.34 15.56
C ASP A 129 21.52 -0.05 15.13
N LYS A 130 22.75 -0.15 14.66
CA LYS A 130 23.52 1.02 14.28
C LYS A 130 23.55 1.25 12.78
N ASN A 131 23.47 0.17 12.02
CA ASN A 131 23.65 0.24 10.57
C ASN A 131 22.39 -0.05 9.76
N PHE A 132 21.31 -0.45 10.42
CA PHE A 132 20.12 -0.86 9.71
C PHE A 132 18.86 -0.07 10.07
N CYS A 133 17.82 -0.28 9.27
CA CYS A 133 16.52 0.32 9.51
C CYS A 133 15.43 -0.50 8.81
N LEU A 134 14.19 -0.34 9.26
CA LEU A 134 13.06 -0.90 8.53
C LEU A 134 12.80 -0.03 7.31
N ARG A 135 12.70 -0.66 6.14
CA ARG A 135 12.54 0.10 4.89
C ARG A 135 11.27 0.93 4.91
N PRO A 136 11.40 2.23 4.64
CA PRO A 136 10.24 3.12 4.52
C PRO A 136 9.73 3.16 3.09
N MET A 137 10.45 2.48 2.20
CA MET A 137 10.16 2.53 0.78
C MET A 137 10.79 1.36 0.05
N LEU A 138 10.35 1.13 -1.18
CA LEU A 138 10.84 -0.01 -1.97
C LEU A 138 11.90 0.36 -3.00
N ALA A 139 12.00 1.64 -3.33
CA ALA A 139 12.88 2.11 -4.40
C ALA A 139 14.35 1.70 -4.30
N PRO A 140 14.98 1.80 -3.10
CA PRO A 140 16.40 1.42 -3.05
C PRO A 140 16.66 -0.03 -3.49
N ASN A 141 15.87 -0.97 -3.01
CA ASN A 141 16.04 -2.37 -3.38
C ASN A 141 15.71 -2.61 -4.86
N LEU A 142 14.69 -1.93 -5.37
CA LEU A 142 14.29 -2.08 -6.76
C LEU A 142 15.32 -1.44 -7.69
N TYR A 143 15.89 -0.32 -7.27
CA TYR A 143 17.01 0.31 -7.97
C TYR A 143 18.16 -0.69 -8.14
N ASN A 144 18.53 -1.36 -7.05
CA ASN A 144 19.62 -2.32 -7.08
C ASN A 144 19.34 -3.50 -8.02
N TYR A 145 18.09 -3.94 -8.06
CA TYR A 145 17.74 -5.06 -8.92
C TYR A 145 17.77 -4.64 -10.40
N LEU A 146 17.36 -3.41 -10.69
CA LEU A 146 17.41 -2.90 -12.06
C LEU A 146 18.85 -2.91 -12.60
N ARG A 147 19.77 -2.42 -11.78
CA ARG A 147 21.19 -2.37 -12.17
C ARG A 147 21.75 -3.77 -12.40
N LYS A 148 21.48 -4.69 -11.47
CA LYS A 148 22.05 -6.03 -11.53
C LYS A 148 21.43 -6.87 -12.67
N LEU A 149 20.12 -6.78 -12.81
CA LEU A 149 19.42 -7.55 -13.84
C LEU A 149 19.71 -7.05 -15.25
N ASP A 150 20.23 -5.83 -15.37
CA ASP A 150 20.57 -5.27 -16.68
C ASP A 150 21.69 -6.05 -17.36
N ARG A 151 22.46 -6.79 -16.56
CA ARG A 151 23.57 -7.56 -17.09
C ARG A 151 23.14 -8.95 -17.53
N ALA A 152 21.85 -9.26 -17.39
CA ALA A 152 21.37 -10.61 -17.68
C ALA A 152 20.08 -10.64 -18.51
N LEU A 153 19.20 -9.67 -18.30
CA LEU A 153 17.88 -9.70 -18.92
C LEU A 153 17.78 -8.79 -20.14
N PRO A 154 16.95 -9.19 -21.12
CA PRO A 154 16.73 -8.38 -22.32
C PRO A 154 15.91 -7.13 -22.04
N ASP A 155 16.07 -6.11 -22.88
CA ASP A 155 15.33 -4.86 -22.76
C ASP A 155 13.90 -5.04 -23.28
N PRO A 156 12.92 -4.46 -22.56
CA PRO A 156 13.07 -3.69 -21.32
C PRO A 156 13.01 -4.58 -20.08
N ILE A 157 13.51 -4.04 -18.97
CA ILE A 157 13.49 -4.78 -17.70
C ILE A 157 12.31 -4.34 -16.85
N LYS A 158 11.50 -5.32 -16.46
CA LYS A 158 10.27 -5.05 -15.73
C LYS A 158 10.22 -5.86 -14.43
N ILE A 159 10.16 -5.16 -13.30
CA ILE A 159 10.16 -5.82 -12.00
C ILE A 159 9.11 -5.21 -11.07
N PHE A 160 8.73 -5.97 -10.05
CA PHE A 160 7.81 -5.44 -9.03
C PHE A 160 8.01 -6.17 -7.70
N GLU A 161 7.62 -5.50 -6.62
CA GLU A 161 7.66 -6.11 -5.30
C GLU A 161 6.46 -5.66 -4.48
N ILE A 162 5.93 -6.57 -3.67
CA ILE A 162 4.91 -6.24 -2.68
C ILE A 162 5.40 -6.67 -1.30
N GLY A 163 5.32 -5.78 -0.32
CA GLY A 163 5.76 -6.12 1.01
C GLY A 163 5.66 -4.98 2.02
N PRO A 164 5.94 -5.30 3.29
CA PRO A 164 5.89 -4.35 4.41
C PRO A 164 6.81 -3.16 4.25
N CYS A 165 6.31 -1.98 4.58
CA CYS A 165 7.11 -0.77 4.70
C CYS A 165 6.76 -0.08 6.02
N TYR A 166 7.70 0.69 6.56
CA TYR A 166 7.53 1.26 7.90
C TYR A 166 7.87 2.74 7.96
N ARG A 167 6.94 3.54 8.47
CA ARG A 167 7.15 4.97 8.65
C ARG A 167 6.50 5.45 9.93
N LYS A 168 7.23 6.23 10.72
CA LYS A 168 6.64 6.89 11.88
C LYS A 168 5.70 7.99 11.38
N GLU A 169 4.43 7.90 11.77
CA GLU A 169 3.42 8.84 11.29
C GLU A 169 2.67 9.47 12.46
N SER A 170 2.30 10.74 12.32
CA SER A 170 1.58 11.45 13.37
C SER A 170 0.07 11.25 13.24
N ASP A 171 -0.39 11.07 12.00
CA ASP A 171 -1.82 10.89 11.75
C ASP A 171 -2.22 9.42 11.91
N GLY A 172 -3.50 9.13 11.72
CA GLY A 172 -3.98 7.78 11.89
C GLY A 172 -5.25 7.47 11.11
N LYS A 173 -5.69 8.43 10.30
CA LYS A 173 -6.89 8.25 9.49
C LYS A 173 -6.57 7.63 8.14
N GLU A 174 -5.47 8.07 7.54
CA GLU A 174 -5.04 7.59 6.23
C GLU A 174 -3.63 7.01 6.29
N HIS A 175 -3.05 7.00 7.49
CA HIS A 175 -1.68 6.53 7.66
C HIS A 175 -1.56 5.39 8.67
N LEU A 176 -0.70 4.43 8.35
CA LEU A 176 -0.31 3.38 9.27
C LEU A 176 1.20 3.44 9.46
N GLU A 177 1.68 3.02 10.63
CA GLU A 177 3.12 2.99 10.84
C GLU A 177 3.70 1.74 10.20
N GLU A 178 2.88 0.70 10.15
CA GLU A 178 3.23 -0.54 9.46
C GLU A 178 2.26 -0.74 8.30
N PHE A 179 2.76 -0.60 7.07
CA PHE A 179 1.87 -0.77 5.92
C PHE A 179 2.52 -1.62 4.83
N THR A 180 1.76 -1.83 3.75
CA THR A 180 2.20 -2.69 2.66
C THR A 180 2.23 -1.90 1.37
N MET A 181 3.35 -1.94 0.66
CA MET A 181 3.48 -1.20 -0.58
C MET A 181 3.68 -2.10 -1.79
N LEU A 182 3.01 -1.76 -2.89
CA LEU A 182 3.35 -2.28 -4.20
C LEU A 182 4.29 -1.31 -4.88
N GLY A 183 5.40 -1.82 -5.40
CA GLY A 183 6.29 -1.00 -6.19
C GLY A 183 6.63 -1.72 -7.49
N PHE A 184 6.50 -1.02 -8.62
CA PHE A 184 6.92 -1.60 -9.89
C PHE A 184 7.76 -0.62 -10.69
N GLN A 185 8.66 -1.16 -11.50
CA GLN A 185 9.53 -0.34 -12.34
C GLN A 185 9.78 -1.00 -13.68
N GLN A 186 9.83 -0.19 -14.73
CA GLN A 186 10.26 -0.67 -16.03
C GLN A 186 11.44 0.18 -16.50
N MET A 187 12.50 -0.47 -16.98
CA MET A 187 13.69 0.25 -17.41
C MET A 187 14.09 -0.08 -18.84
N GLY A 188 14.37 0.94 -19.62
CA GLY A 188 14.80 0.77 -21.00
C GLY A 188 13.82 1.36 -21.99
N SER A 189 13.39 0.54 -22.94
N SER A 189 13.38 0.54 -22.94
CA SER A 189 12.45 1.00 -23.97
CA SER A 189 12.45 0.98 -23.97
C SER A 189 11.02 1.03 -23.44
C SER A 189 11.01 1.02 -23.43
N GLY A 190 10.19 1.85 -24.05
CA GLY A 190 8.78 1.96 -23.67
C GLY A 190 8.53 2.66 -22.36
N CYS A 191 9.51 3.41 -21.88
CA CYS A 191 9.38 4.11 -20.61
C CYS A 191 8.87 5.53 -20.82
N THR A 192 7.60 5.63 -21.22
CA THR A 192 6.96 6.92 -21.46
C THR A 192 5.88 7.19 -20.42
N ARG A 193 5.50 8.46 -20.29
CA ARG A 193 4.43 8.84 -19.39
C ARG A 193 3.11 8.19 -19.81
N GLU A 194 2.91 8.06 -21.12
CA GLU A 194 1.71 7.41 -21.64
C GLU A 194 1.63 5.95 -21.20
N ASN A 195 2.73 5.21 -21.37
CA ASN A 195 2.78 3.81 -20.96
CA ASN A 195 2.77 3.81 -20.97
C ASN A 195 2.58 3.64 -19.47
N LEU A 196 3.17 4.56 -18.69
CA LEU A 196 3.02 4.54 -17.24
C LEU A 196 1.57 4.77 -16.85
N GLU A 197 0.93 5.76 -17.46
CA GLU A 197 -0.47 6.04 -17.16
C GLU A 197 -1.37 4.90 -17.62
N SER A 198 -0.95 4.19 -18.67
CA SER A 198 -1.71 3.06 -19.18
C SER A 198 -1.69 1.88 -18.21
N ILE A 199 -0.52 1.61 -17.62
CA ILE A 199 -0.38 0.54 -16.66
C ILE A 199 -1.20 0.84 -15.41
N ILE A 200 -1.10 2.06 -14.93
CA ILE A 200 -1.86 2.51 -13.77
C ILE A 200 -3.37 2.38 -14.00
N THR A 201 -3.80 2.80 -15.19
CA THR A 201 -5.21 2.76 -15.55
C THR A 201 -5.75 1.33 -15.62
N ASP A 202 -5.02 0.45 -16.30
CA ASP A 202 -5.42 -0.94 -16.40
C ASP A 202 -5.45 -1.61 -15.04
N PHE A 203 -4.48 -1.27 -14.20
CA PHE A 203 -4.34 -1.83 -12.86
C PHE A 203 -5.54 -1.51 -11.99
N LEU A 204 -5.88 -0.23 -11.90
CA LEU A 204 -6.96 0.21 -11.01
C LEU A 204 -8.34 -0.15 -11.57
N ASN A 205 -8.47 -0.20 -12.88
CA ASN A 205 -9.72 -0.64 -13.50
C ASN A 205 -9.92 -2.15 -13.28
N HIS A 206 -8.81 -2.87 -13.18
CA HIS A 206 -8.84 -4.29 -12.88
C HIS A 206 -9.32 -4.53 -11.46
N LEU A 207 -8.86 -3.70 -10.53
CA LEU A 207 -9.24 -3.82 -9.12
C LEU A 207 -10.61 -3.21 -8.85
N GLY A 208 -11.10 -2.39 -9.77
CA GLY A 208 -12.38 -1.75 -9.60
C GLY A 208 -12.31 -0.56 -8.65
N ILE A 209 -11.27 0.24 -8.81
CA ILE A 209 -11.05 1.40 -7.95
C ILE A 209 -11.05 2.70 -8.75
N ASP A 210 -11.90 3.64 -8.36
CA ASP A 210 -12.02 4.91 -9.06
C ASP A 210 -10.81 5.80 -8.74
N PHE A 211 -10.32 6.54 -9.73
CA PHE A 211 -9.12 7.33 -9.56
C PHE A 211 -9.02 8.50 -10.53
N LYS A 212 -8.07 9.39 -10.26
CA LYS A 212 -7.69 10.44 -11.19
C LYS A 212 -6.18 10.66 -11.08
N ILE A 213 -5.53 10.92 -12.21
CA ILE A 213 -4.09 11.15 -12.21
C ILE A 213 -3.80 12.66 -12.23
N VAL A 214 -3.03 13.11 -11.25
CA VAL A 214 -2.71 14.53 -11.12
C VAL A 214 -1.21 14.78 -11.22
N GLY A 215 -0.82 15.77 -12.02
CA GLY A 215 0.57 16.11 -12.17
C GLY A 215 0.81 17.09 -13.30
N GLY A 222 12.54 14.88 -14.13
CA GLY A 222 11.50 13.98 -14.60
C GLY A 222 10.16 14.26 -13.96
N ASP A 223 9.09 13.76 -14.57
CA ASP A 223 7.73 13.99 -14.10
C ASP A 223 7.40 13.22 -12.82
N THR A 224 6.68 13.86 -11.91
CA THR A 224 6.11 13.20 -10.73
C THR A 224 4.59 13.28 -10.79
N LEU A 225 3.95 12.13 -10.84
CA LEU A 225 2.49 12.07 -10.90
C LEU A 225 1.92 11.46 -9.63
N ASP A 226 0.74 11.91 -9.24
CA ASP A 226 0.05 11.35 -8.09
C ASP A 226 -1.29 10.78 -8.50
N VAL A 227 -1.56 9.54 -8.07
CA VAL A 227 -2.84 8.90 -8.35
C VAL A 227 -3.77 9.09 -7.15
N MET A 228 -4.85 9.82 -7.37
CA MET A 228 -5.74 10.24 -6.29
C MET A 228 -7.10 9.57 -6.32
N HIS A 229 -7.62 9.26 -5.13
CA HIS A 229 -9.02 8.90 -4.98
C HIS A 229 -9.69 9.93 -4.08
N GLY A 230 -10.29 10.94 -4.68
CA GLY A 230 -10.76 12.08 -3.92
C GLY A 230 -9.56 12.83 -3.38
N ASP A 231 -9.46 12.94 -2.06
CA ASP A 231 -8.32 13.59 -1.43
C ASP A 231 -7.29 12.58 -0.95
N LEU A 232 -7.57 11.29 -1.18
CA LEU A 232 -6.68 10.23 -0.74
C LEU A 232 -5.69 9.83 -1.82
N GLU A 233 -4.40 9.93 -1.50
CA GLU A 233 -3.34 9.53 -2.42
C GLU A 233 -3.17 8.02 -2.44
N LEU A 234 -3.44 7.40 -3.58
CA LEU A 234 -3.26 5.96 -3.74
C LEU A 234 -1.82 5.65 -4.15
N SER A 235 -1.21 6.56 -4.90
CA SER A 235 0.13 6.32 -5.43
C SER A 235 0.88 7.58 -5.81
N SER A 236 2.21 7.48 -5.75
CA SER A 236 3.09 8.44 -6.39
C SER A 236 3.83 7.71 -7.51
N ALA A 237 3.78 8.28 -8.71
CA ALA A 237 4.44 7.69 -9.86
C ALA A 237 5.51 8.62 -10.40
N VAL A 238 6.53 8.04 -11.05
CA VAL A 238 7.65 8.82 -11.55
C VAL A 238 8.03 8.41 -12.97
N VAL A 239 8.25 9.40 -13.83
CA VAL A 239 8.81 9.15 -15.16
C VAL A 239 10.27 9.60 -15.19
N GLY A 240 11.18 8.63 -15.23
CA GLY A 240 12.59 8.92 -15.28
C GLY A 240 13.06 9.24 -16.70
N PRO A 241 14.35 9.53 -16.87
CA PRO A 241 15.38 9.54 -15.83
C PRO A 241 15.29 10.74 -14.89
N ILE A 242 15.84 10.57 -13.68
CA ILE A 242 15.98 11.65 -12.72
C ILE A 242 17.43 11.67 -12.26
N PRO A 243 17.90 12.83 -11.76
CA PRO A 243 19.31 12.94 -11.34
C PRO A 243 19.74 11.90 -10.30
N LEU A 244 18.79 11.43 -9.49
CA LEU A 244 19.08 10.46 -8.44
C LEU A 244 19.62 9.13 -8.99
N ASP A 245 19.22 8.79 -10.21
CA ASP A 245 19.59 7.51 -10.84
C ASP A 245 21.08 7.20 -10.82
N ARG A 246 21.89 8.24 -10.99
CA ARG A 246 23.34 8.09 -11.08
C ARG A 246 23.93 7.49 -9.80
N GLU A 247 23.36 7.85 -8.66
CA GLU A 247 23.83 7.36 -7.37
C GLU A 247 23.60 5.86 -7.21
N TRP A 248 22.76 5.29 -8.08
CA TRP A 248 22.41 3.89 -8.00
C TRP A 248 22.92 3.09 -9.19
N GLY A 249 23.68 3.75 -10.06
CA GLY A 249 24.28 3.10 -11.21
C GLY A 249 23.29 2.90 -12.33
N ILE A 250 22.27 3.74 -12.37
CA ILE A 250 21.25 3.68 -13.42
C ILE A 250 21.45 4.82 -14.43
N ASP A 251 21.55 4.47 -15.71
CA ASP A 251 21.72 5.48 -16.76
C ASP A 251 20.77 5.24 -17.94
N LYS A 252 19.63 4.62 -17.67
CA LYS A 252 18.63 4.35 -18.69
C LYS A 252 17.31 5.01 -18.33
N PRO A 253 16.43 5.23 -19.32
CA PRO A 253 15.09 5.74 -19.00
C PRO A 253 14.30 4.73 -18.19
N TRP A 254 13.41 5.20 -17.32
CA TRP A 254 12.58 4.28 -16.56
C TRP A 254 11.27 4.93 -16.11
N ILE A 255 10.28 4.10 -15.85
CA ILE A 255 9.00 4.53 -15.28
C ILE A 255 8.67 3.63 -14.10
N GLY A 256 7.88 4.14 -13.17
CA GLY A 256 7.50 3.34 -12.02
C GLY A 256 6.51 4.03 -11.10
N ALA A 257 6.01 3.28 -10.12
CA ALA A 257 5.05 3.82 -9.17
C ALA A 257 5.03 2.99 -7.89
N GLY A 258 4.50 3.59 -6.83
CA GLY A 258 4.35 2.91 -5.56
C GLY A 258 2.94 3.07 -5.02
N PHE A 259 2.28 1.95 -4.74
CA PHE A 259 0.91 1.94 -4.25
C PHE A 259 0.81 1.39 -2.83
N GLY A 260 -0.04 1.99 -2.00
CA GLY A 260 -0.31 1.47 -0.68
C GLY A 260 -1.48 0.50 -0.71
N LEU A 261 -1.23 -0.75 -0.36
CA LEU A 261 -2.27 -1.78 -0.43
C LEU A 261 -3.42 -1.53 0.55
N GLU A 262 -3.11 -1.02 1.74
CA GLU A 262 -4.14 -0.75 2.74
C GLU A 262 -5.06 0.38 2.27
N ARG A 263 -4.51 1.37 1.58
CA ARG A 263 -5.32 2.46 1.05
C ARG A 263 -6.20 1.95 -0.08
N LEU A 264 -5.69 1.01 -0.87
CA LEU A 264 -6.50 0.37 -1.92
C LEU A 264 -7.66 -0.40 -1.30
N LEU A 265 -7.37 -1.18 -0.25
CA LEU A 265 -8.39 -1.90 0.48
C LEU A 265 -9.43 -0.97 1.09
N LYS A 266 -8.95 0.12 1.70
CA LYS A 266 -9.82 1.09 2.33
C LYS A 266 -10.84 1.65 1.35
N VAL A 267 -10.40 1.99 0.15
CA VAL A 267 -11.27 2.53 -0.89
C VAL A 267 -12.23 1.46 -1.42
N LYS A 268 -11.70 0.28 -1.74
CA LYS A 268 -12.50 -0.78 -2.33
C LYS A 268 -13.59 -1.27 -1.39
N HIS A 269 -13.29 -1.33 -0.10
CA HIS A 269 -14.24 -1.87 0.87
C HIS A 269 -14.93 -0.76 1.66
N ASP A 270 -14.65 0.49 1.29
CA ASP A 270 -15.29 1.66 1.89
C ASP A 270 -15.09 1.70 3.41
N PHE A 271 -13.89 1.37 3.86
CA PHE A 271 -13.54 1.49 5.27
C PHE A 271 -13.41 2.95 5.68
N LYS A 272 -13.99 3.33 6.80
CA LYS A 272 -13.89 4.70 7.27
C LYS A 272 -12.50 4.99 7.81
N ASN A 273 -11.90 4.01 8.46
CA ASN A 273 -10.56 4.15 8.99
C ASN A 273 -9.62 3.09 8.41
N ILE A 274 -8.40 3.49 8.07
CA ILE A 274 -7.44 2.62 7.41
C ILE A 274 -7.00 1.45 8.31
N LYS A 275 -7.21 1.58 9.62
CA LYS A 275 -6.84 0.51 10.55
C LYS A 275 -7.62 -0.77 10.28
N ARG A 276 -8.76 -0.66 9.63
CA ARG A 276 -9.56 -1.81 9.28
C ARG A 276 -8.91 -2.65 8.18
N ALA A 277 -7.91 -2.09 7.51
CA ALA A 277 -7.25 -2.75 6.39
C ALA A 277 -5.84 -3.20 6.71
N ALA A 278 -5.40 -2.94 7.94
CA ALA A 278 -4.01 -3.18 8.33
C ALA A 278 -3.78 -4.59 8.85
N ARG A 279 -2.51 -5.02 8.85
CA ARG A 279 -2.09 -6.13 9.69
C ARG A 279 -2.51 -5.77 11.10
N SER A 280 -3.31 -6.61 11.75
CA SER A 280 -3.92 -6.21 13.00
C SER A 280 -4.39 -7.38 13.84
N GLU A 281 -4.51 -7.13 15.15
CA GLU A 281 -5.14 -8.09 16.05
C GLU A 281 -6.54 -7.59 16.41
N SER A 282 -6.86 -6.37 15.99
CA SER A 282 -8.12 -5.72 16.34
C SER A 282 -9.17 -5.83 15.24
N TYR A 283 -8.72 -6.11 14.02
CA TYR A 283 -9.64 -6.25 12.88
C TYR A 283 -9.21 -7.39 11.96
N TYR A 284 -10.19 -8.17 11.51
CA TYR A 284 -9.96 -9.17 10.48
C TYR A 284 -10.90 -8.92 9.31
N ASN A 285 -10.33 -8.65 8.13
CA ASN A 285 -11.12 -8.32 6.95
C ASN A 285 -12.13 -7.20 7.23
N GLY A 286 -11.72 -6.22 8.02
CA GLY A 286 -12.56 -5.09 8.34
C GLY A 286 -13.55 -5.36 9.46
N ILE A 287 -13.51 -6.58 10.00
CA ILE A 287 -14.42 -6.96 11.07
C ILE A 287 -13.72 -6.93 12.42
N SER A 288 -14.34 -6.27 13.39
CA SER A 288 -13.77 -6.20 14.73
C SER A 288 -13.60 -7.59 15.33
N THR A 289 -12.43 -7.84 15.92
CA THR A 289 -12.15 -9.12 16.54
C THR A 289 -12.45 -9.07 18.04
N ASN A 290 -12.91 -7.93 18.52
CA ASN A 290 -13.30 -7.80 19.91
C ASN A 290 -14.81 -7.91 20.06
N LEU A 291 -15.31 -9.14 20.01
CA LEU A 291 -16.74 -9.41 20.02
C LEU A 291 -17.19 -10.03 21.34
#